data_5Y2E
#
_entry.id   5Y2E
#
_cell.length_a   43.350
_cell.length_b   48.140
_cell.length_c   122.610
_cell.angle_alpha   90.000
_cell.angle_beta   90.000
_cell.angle_gamma   90.000
#
_symmetry.space_group_name_H-M   'P 21 21 21'
#
loop_
_entity.id
_entity.type
_entity.pdbx_description
1 polymer 'Non-structural glycoprotein 4'
2 water water
#
_entity_poly.entity_id   1
_entity_poly.type   'polypeptide(L)'
_entity_poly.pdbx_seq_one_letter_code
;MIEKQMDRVVKEMRRQLEMIDKLTTRGIEQVELLKRIHDKLMIRAVD
;
_entity_poly.pdbx_strand_id   D,A,C,B
#
# COMPACT_ATOMS: atom_id res chain seq x y z
N MET A 1 -4.46 31.67 5.95
CA MET A 1 -3.27 30.83 5.65
C MET A 1 -3.43 29.38 6.04
N ILE A 2 -3.96 29.05 7.22
CA ILE A 2 -4.04 27.68 7.65
C ILE A 2 -4.95 26.89 6.75
N GLU A 3 -6.08 27.50 6.42
CA GLU A 3 -6.99 26.80 5.50
C GLU A 3 -6.31 26.44 4.18
N LYS A 4 -5.53 27.36 3.61
CA LYS A 4 -4.86 27.09 2.35
C LYS A 4 -3.66 26.12 2.50
N GLN A 5 -3.18 26.03 3.71
CA GLN A 5 -2.08 25.16 4.02
C GLN A 5 -2.61 23.78 4.12
N MET A 6 -3.75 23.66 4.76
CA MET A 6 -4.43 22.41 4.91
C MET A 6 -4.79 21.88 3.56
N ASP A 7 -5.19 22.77 2.65
CA ASP A 7 -5.55 22.35 1.34
C ASP A 7 -4.40 21.74 0.60
N ARG A 8 -3.23 22.34 0.72
CA ARG A 8 -2.00 21.82 0.11
C ARG A 8 -1.73 20.40 0.60
N VAL A 9 -1.88 20.23 1.89
CA VAL A 9 -1.61 18.93 2.53
C VAL A 9 -2.58 17.87 1.99
N VAL A 10 -3.85 18.23 1.95
CA VAL A 10 -4.86 17.31 1.53
C VAL A 10 -4.67 16.90 0.09
N LYS A 11 -4.33 17.80 -0.79
CA LYS A 11 -4.11 17.49 -2.21
C LYS A 11 -2.91 16.54 -2.34
N GLU A 12 -1.89 16.80 -1.53
CA GLU A 12 -0.69 15.98 -1.52
C GLU A 12 -1.05 14.56 -1.11
N MET A 13 -1.83 14.42 -0.06
CA MET A 13 -2.22 13.13 0.39
C MET A 13 -3.07 12.41 -0.60
N ARG A 14 -3.97 13.09 -1.27
CA ARG A 14 -4.79 12.45 -2.26
C ARG A 14 -3.94 11.94 -3.39
N ARG A 15 -2.87 12.63 -3.71
CA ARG A 15 -1.97 12.22 -4.75
C ARG A 15 -1.14 11.02 -4.32
N GLN A 16 -0.65 11.03 -3.10
CA GLN A 16 0.07 9.90 -2.55
C GLN A 16 -0.77 8.63 -2.52
N LEU A 17 -1.97 8.74 -2.01
CA LEU A 17 -2.89 7.64 -1.94
C LEU A 17 -3.29 7.10 -3.31
N GLU A 18 -3.41 7.95 -4.31
CA GLU A 18 -3.75 7.47 -5.65
C GLU A 18 -2.57 6.70 -6.29
N MET A 19 -1.36 7.09 -5.95
CA MET A 19 -0.21 6.34 -6.39
C MET A 19 -0.12 4.99 -5.72
N ILE A 20 -0.30 4.96 -4.41
CA ILE A 20 -0.35 3.72 -3.67
C ILE A 20 -1.40 2.81 -4.27
N ASP A 21 -2.52 3.39 -4.67
CA ASP A 21 -3.55 2.58 -5.28
C ASP A 21 -3.13 2.00 -6.61
N LYS A 22 -2.49 2.79 -7.47
CA LYS A 22 -1.99 2.30 -8.75
C LYS A 22 -1.00 1.17 -8.52
N LEU A 23 -0.03 1.37 -7.63
CA LEU A 23 0.93 0.36 -7.31
C LEU A 23 0.30 -0.92 -6.75
N THR A 24 -0.68 -0.77 -5.87
CA THR A 24 -1.38 -1.92 -5.36
C THR A 24 -2.07 -2.70 -6.49
N THR A 25 -2.73 -2.00 -7.40
CA THR A 25 -3.33 -2.65 -8.56
C THR A 25 -2.31 -3.39 -9.43
N ARG A 26 -1.15 -2.78 -9.61
CA ARG A 26 -0.04 -3.38 -10.35
C ARG A 26 0.51 -4.60 -9.64
N GLY A 27 0.45 -4.61 -8.33
CA GLY A 27 0.85 -5.76 -7.52
C GLY A 27 -0.12 -6.90 -7.70
N ILE A 28 -1.39 -6.60 -7.75
CA ILE A 28 -2.44 -7.58 -7.94
C ILE A 28 -2.31 -8.23 -9.29
N GLU A 29 -1.93 -7.47 -10.29
CA GLU A 29 -1.64 -8.03 -11.59
C GLU A 29 -0.48 -8.98 -11.55
N GLN A 30 0.57 -8.59 -10.86
CA GLN A 30 1.76 -9.43 -10.71
C GLN A 30 1.42 -10.71 -9.98
N VAL A 31 0.53 -10.65 -8.99
CA VAL A 31 0.16 -11.82 -8.24
C VAL A 31 -0.57 -12.80 -9.14
N GLU A 32 -1.40 -12.29 -10.06
CA GLU A 32 -2.05 -13.17 -11.02
C GLU A 32 -1.03 -13.77 -11.97
N LEU A 33 -0.11 -12.95 -12.41
CA LEU A 33 0.95 -13.43 -13.25
C LEU A 33 1.79 -14.49 -12.56
N LEU A 34 1.83 -14.43 -11.24
CA LEU A 34 2.58 -15.39 -10.46
C LEU A 34 1.79 -16.65 -10.32
N LYS A 35 0.48 -16.55 -10.25
CA LYS A 35 -0.38 -17.73 -10.18
C LYS A 35 -0.27 -18.53 -11.46
N ARG A 36 -0.21 -17.81 -12.59
CA ARG A 36 -0.04 -18.43 -13.89
C ARG A 36 1.31 -19.15 -13.98
N ILE A 37 2.35 -18.55 -13.40
CA ILE A 37 3.67 -19.15 -13.37
C ILE A 37 3.66 -20.38 -12.53
N HIS A 38 3.01 -20.36 -11.37
CA HIS A 38 2.90 -21.55 -10.54
C HIS A 38 2.23 -22.67 -11.33
N ASP A 39 1.19 -22.33 -12.08
CA ASP A 39 0.47 -23.31 -12.84
C ASP A 39 1.36 -23.96 -13.93
N LYS A 40 2.09 -23.16 -14.69
CA LYS A 40 3.04 -23.65 -15.66
C LYS A 40 4.04 -24.63 -15.02
N LEU A 41 4.42 -24.34 -13.79
CA LEU A 41 5.37 -25.15 -13.06
C LEU A 41 4.76 -26.48 -12.70
N MET A 42 3.47 -26.45 -12.39
CA MET A 42 2.71 -27.62 -12.08
C MET A 42 2.60 -28.54 -13.28
N ILE A 43 2.32 -27.95 -14.44
CA ILE A 43 2.22 -28.65 -15.69
C ILE A 43 3.58 -29.28 -16.07
N ARG A 44 4.67 -28.52 -15.94
CA ARG A 44 6.02 -29.03 -16.17
C ARG A 44 6.42 -30.10 -15.14
N ALA A 45 5.94 -30.00 -13.89
CA ALA A 45 6.22 -30.98 -12.82
C ALA A 45 5.76 -32.36 -13.28
N VAL A 46 4.51 -32.51 -13.72
CA VAL A 46 4.15 -33.77 -14.44
C VAL A 46 4.50 -33.73 -15.94
N MET B 1 12.38 -19.50 -20.26
CA MET B 1 12.07 -20.19 -18.99
C MET B 1 11.17 -19.32 -18.10
N ILE B 2 10.27 -20.04 -17.45
CA ILE B 2 9.33 -19.54 -16.52
C ILE B 2 10.05 -18.91 -15.37
N GLU B 3 11.09 -19.59 -14.95
CA GLU B 3 11.91 -19.19 -13.83
C GLU B 3 12.48 -17.80 -14.05
N LYS B 4 12.85 -17.46 -15.27
CA LYS B 4 13.34 -16.11 -15.53
C LYS B 4 12.19 -15.10 -15.59
N GLN B 5 10.99 -15.55 -15.90
CA GLN B 5 9.83 -14.67 -15.88
C GLN B 5 9.41 -14.40 -14.44
N MET B 6 9.53 -15.42 -13.61
CA MET B 6 9.26 -15.30 -12.22
C MET B 6 10.23 -14.34 -11.60
N ASP B 7 11.48 -14.38 -12.04
CA ASP B 7 12.47 -13.51 -11.47
C ASP B 7 12.11 -12.06 -11.74
N ARG B 8 11.70 -11.77 -12.97
CA ARG B 8 11.39 -10.41 -13.35
C ARG B 8 10.20 -9.91 -12.51
N VAL B 9 9.24 -10.78 -12.21
CA VAL B 9 8.06 -10.41 -11.46
C VAL B 9 8.35 -10.19 -10.01
N VAL B 10 9.14 -11.06 -9.40
CA VAL B 10 9.52 -10.89 -8.02
C VAL B 10 10.27 -9.58 -7.78
N LYS B 11 11.15 -9.21 -8.70
CA LYS B 11 11.92 -8.00 -8.62
C LYS B 11 11.03 -6.78 -8.73
N GLU B 12 10.01 -6.90 -9.57
CA GLU B 12 9.04 -5.87 -9.79
C GLU B 12 8.16 -5.69 -8.58
N MET B 13 7.72 -6.76 -7.98
CA MET B 13 6.92 -6.66 -6.80
C MET B 13 7.66 -6.05 -5.65
N ARG B 14 8.91 -6.36 -5.48
CA ARG B 14 9.65 -5.77 -4.41
C ARG B 14 9.76 -4.30 -4.63
N ARG B 15 9.98 -3.92 -5.87
CA ARG B 15 10.13 -2.53 -6.21
C ARG B 15 8.84 -1.76 -5.98
N GLN B 16 7.70 -2.36 -6.30
CA GLN B 16 6.40 -1.75 -6.04
C GLN B 16 6.18 -1.60 -4.56
N LEU B 17 6.37 -2.67 -3.78
CA LEU B 17 6.21 -2.58 -2.34
C LEU B 17 7.15 -1.56 -1.66
N GLU B 18 8.35 -1.37 -2.19
CA GLU B 18 9.25 -0.38 -1.62
C GLU B 18 8.75 1.05 -1.90
N MET B 19 8.11 1.23 -3.05
CA MET B 19 7.53 2.51 -3.36
C MET B 19 6.33 2.81 -2.47
N ILE B 20 5.46 1.83 -2.33
CA ILE B 20 4.32 1.94 -1.44
C ILE B 20 4.80 2.28 -0.05
N ASP B 21 5.91 1.70 0.36
CA ASP B 21 6.43 2.03 1.66
C ASP B 21 6.88 3.48 1.79
N LYS B 22 7.61 3.97 0.78
CA LYS B 22 8.05 5.36 0.78
C LYS B 22 6.83 6.30 0.83
N LEU B 23 5.85 6.04 -0.01
CA LEU B 23 4.64 6.83 -0.02
C LEU B 23 3.87 6.79 1.30
N THR B 24 3.78 5.64 1.90
CA THR B 24 3.17 5.51 3.20
C THR B 24 3.89 6.35 4.24
N THR B 25 5.22 6.31 4.26
CA THR B 25 5.98 7.15 5.17
C THR B 25 5.72 8.64 4.96
N ARG B 26 5.61 9.04 3.72
CA ARG B 26 5.35 10.38 3.35
C ARG B 26 3.96 10.80 3.78
N GLY B 27 3.01 9.87 3.73
CA GLY B 27 1.65 10.08 4.18
C GLY B 27 1.58 10.29 5.67
N ILE B 28 2.34 9.50 6.42
CA ILE B 28 2.36 9.64 7.87
C ILE B 28 2.90 10.98 8.28
N GLU B 29 3.89 11.47 7.56
CA GLU B 29 4.36 12.83 7.79
C GLU B 29 3.28 13.85 7.57
N GLN B 30 2.53 13.70 6.48
CA GLN B 30 1.41 14.61 6.19
C GLN B 30 0.34 14.55 7.24
N VAL B 31 0.09 13.36 7.77
CA VAL B 31 -0.91 13.22 8.81
C VAL B 31 -0.47 13.93 10.07
N GLU B 32 0.82 13.93 10.38
CA GLU B 32 1.33 14.71 11.52
C GLU B 32 1.19 16.19 11.23
N LEU B 33 1.50 16.59 10.02
CA LEU B 33 1.31 17.96 9.66
C LEU B 33 -0.16 18.39 9.74
N LEU B 34 -1.04 17.45 9.54
CA LEU B 34 -2.48 17.68 9.69
C LEU B 34 -2.91 17.75 11.14
N LYS B 35 -2.22 17.02 12.01
CA LYS B 35 -2.48 17.07 13.43
C LYS B 35 -2.05 18.43 13.98
N ARG B 36 -0.95 18.95 13.47
CA ARG B 36 -0.47 20.27 13.82
C ARG B 36 -1.47 21.34 13.38
N ILE B 37 -2.09 21.16 12.22
CA ILE B 37 -3.10 22.08 11.73
C ILE B 37 -4.32 22.04 12.63
N HIS B 38 -4.73 20.87 13.06
CA HIS B 38 -5.85 20.76 13.95
C HIS B 38 -5.55 21.41 15.28
N ASP B 39 -4.31 21.37 15.71
CA ASP B 39 -3.95 21.99 16.96
C ASP B 39 -4.04 23.50 16.84
N LYS B 40 -3.46 24.06 15.81
CA LYS B 40 -3.55 25.49 15.56
C LYS B 40 -5.02 25.96 15.59
N LEU B 41 -5.90 25.16 15.01
CA LEU B 41 -7.32 25.49 15.01
C LEU B 41 -7.89 25.48 16.40
N MET B 42 -7.46 24.53 17.21
CA MET B 42 -7.91 24.46 18.59
C MET B 42 -7.47 25.69 19.40
N ILE B 43 -6.22 26.11 19.18
CA ILE B 43 -5.70 27.30 19.81
C ILE B 43 -6.49 28.54 19.38
N ARG B 44 -6.76 28.67 18.08
CA ARG B 44 -7.58 29.76 17.54
C ARG B 44 -9.03 29.72 18.04
N ALA B 45 -9.55 28.57 18.46
CA ALA B 45 -10.91 28.54 19.07
C ALA B 45 -11.19 27.23 19.80
N MET C 1 -18.47 20.61 16.68
CA MET C 1 -17.25 21.31 16.31
C MET C 1 -16.55 20.57 15.20
N ILE C 2 -16.10 21.28 14.20
CA ILE C 2 -15.42 20.63 13.10
C ILE C 2 -14.03 20.20 13.52
N GLU C 3 -13.42 20.95 14.41
CA GLU C 3 -12.12 20.58 14.89
C GLU C 3 -12.11 19.21 15.52
N LYS C 4 -13.19 18.83 16.20
CA LYS C 4 -13.28 17.48 16.73
C LYS C 4 -13.59 16.45 15.63
N GLN C 5 -14.22 16.88 14.55
CA GLN C 5 -14.47 15.99 13.43
C GLN C 5 -13.18 15.76 12.66
N MET C 6 -12.39 16.81 12.55
CA MET C 6 -11.10 16.72 11.92
C MET C 6 -10.23 15.80 12.72
N ASP C 7 -10.34 15.85 14.03
CA ASP C 7 -9.50 15.01 14.85
C ASP C 7 -9.80 13.54 14.60
N ARG C 8 -11.09 13.20 14.50
CA ARG C 8 -11.50 11.84 14.29
C ARG C 8 -10.93 11.33 12.95
N VAL C 9 -10.89 12.20 11.93
CA VAL C 9 -10.42 11.84 10.62
C VAL C 9 -8.92 11.67 10.57
N VAL C 10 -8.21 12.60 11.17
CA VAL C 10 -6.76 12.52 11.24
C VAL C 10 -6.29 11.27 11.94
N LYS C 11 -6.92 10.90 13.06
CA LYS C 11 -6.51 9.73 13.80
C LYS C 11 -6.75 8.47 12.93
N GLU C 12 -7.83 8.47 12.20
CA GLU C 12 -8.18 7.37 11.36
C GLU C 12 -7.22 7.22 10.22
N MET C 13 -6.85 8.31 9.59
CA MET C 13 -5.88 8.23 8.56
C MET C 13 -4.54 7.75 9.01
N ARG C 14 -4.09 8.23 10.19
CA ARG C 14 -2.82 7.77 10.77
C ARG C 14 -2.86 6.24 10.93
N ARG C 15 -4.00 5.76 11.39
CA ARG C 15 -4.17 4.38 11.71
C ARG C 15 -4.20 3.53 10.43
N GLN C 16 -4.89 4.00 9.40
CA GLN C 16 -4.90 3.36 8.11
C GLN C 16 -3.52 3.27 7.52
N LEU C 17 -2.81 4.40 7.47
CA LEU C 17 -1.47 4.39 6.91
C LEU C 17 -0.48 3.50 7.67
N GLU C 18 -0.64 3.38 8.99
CA GLU C 18 0.22 2.50 9.76
C GLU C 18 -0.06 1.02 9.45
N MET C 19 -1.30 0.71 9.15
CA MET C 19 -1.65 -0.63 8.75
C MET C 19 -1.09 -0.97 7.38
N ILE C 20 -1.26 -0.05 6.44
CA ILE C 20 -0.70 -0.21 5.13
C ILE C 20 0.80 -0.42 5.24
N ASP C 21 1.43 0.29 6.15
CA ASP C 21 2.85 0.10 6.35
C ASP C 21 3.22 -1.29 6.85
N LYS C 22 2.48 -1.79 7.84
CA LYS C 22 2.71 -3.14 8.36
C LYS C 22 2.53 -4.17 7.25
N LEU C 23 1.43 -4.07 6.51
CA LEU C 23 1.19 -4.97 5.39
C LEU C 23 2.25 -4.89 4.31
N THR C 24 2.71 -3.70 3.98
CA THR C 24 3.80 -3.54 3.04
C THR C 24 5.04 -4.25 3.51
N THR C 25 5.40 -4.10 4.79
CA THR C 25 6.56 -4.81 5.33
C THR C 25 6.39 -6.34 5.23
N ARG C 26 5.17 -6.82 5.51
CA ARG C 26 4.85 -8.22 5.40
C ARG C 26 4.93 -8.72 3.95
N GLY C 27 4.62 -7.84 3.00
CA GLY C 27 4.73 -8.11 1.58
C GLY C 27 6.16 -8.23 1.15
N ILE C 28 7.02 -7.36 1.65
CA ILE C 28 8.44 -7.43 1.32
C ILE C 28 9.06 -8.72 1.83
N GLU C 29 8.62 -9.19 3.00
CA GLU C 29 9.05 -10.47 3.49
C GLU C 29 8.63 -11.58 2.53
N GLN C 30 7.40 -11.54 2.07
CA GLN C 30 6.89 -12.50 1.11
C GLN C 30 7.64 -12.47 -0.20
N VAL C 31 8.04 -11.29 -0.63
CA VAL C 31 8.78 -11.15 -1.86
C VAL C 31 10.14 -11.82 -1.72
N GLU C 32 10.76 -11.71 -0.55
CA GLU C 32 12.02 -12.43 -0.29
C GLU C 32 11.79 -13.91 -0.27
N LEU C 33 10.72 -14.32 0.36
CA LEU C 33 10.38 -15.72 0.35
C LEU C 33 10.11 -16.26 -1.05
N LEU C 34 9.75 -15.36 -1.94
CA LEU C 34 9.47 -15.69 -3.32
C LEU C 34 10.75 -15.75 -4.10
N LYS C 35 11.73 -14.96 -3.70
CA LYS C 35 13.05 -15.01 -4.31
C LYS C 35 13.74 -16.32 -3.96
N ARG C 36 13.55 -16.77 -2.72
CA ARG C 36 14.07 -18.04 -2.28
C ARG C 36 13.45 -19.20 -3.07
N ILE C 37 12.18 -19.09 -3.39
CA ILE C 37 11.52 -20.11 -4.15
C ILE C 37 12.05 -20.12 -5.54
N HIS C 38 12.19 -18.96 -6.14
CA HIS C 38 12.80 -18.90 -7.46
C HIS C 38 14.15 -19.59 -7.48
N ASP C 39 14.94 -19.36 -6.44
CA ASP C 39 16.26 -19.93 -6.36
C ASP C 39 16.21 -21.44 -6.29
N LYS C 40 15.37 -22.01 -5.43
CA LYS C 40 15.20 -23.45 -5.34
C LYS C 40 14.87 -24.05 -6.73
N LEU C 41 14.02 -23.35 -7.48
CA LEU C 41 13.67 -23.80 -8.82
C LEU C 41 14.86 -23.80 -9.73
N MET C 42 15.70 -22.78 -9.62
CA MET C 42 16.89 -22.70 -10.42
C MET C 42 17.87 -23.81 -10.15
N ILE C 43 18.02 -24.12 -8.86
CA ILE C 43 18.87 -25.21 -8.42
C ILE C 43 18.34 -26.55 -8.96
N ARG C 44 17.02 -26.77 -8.85
CA ARG C 44 16.39 -27.97 -9.41
C ARG C 44 16.48 -28.01 -10.96
N ALA C 45 16.43 -26.84 -11.62
CA ALA C 45 16.48 -26.72 -13.10
C ALA C 45 17.79 -27.14 -13.71
N VAL C 46 18.83 -27.23 -12.90
CA VAL C 46 20.13 -27.71 -13.36
C VAL C 46 20.12 -29.25 -13.20
N ASP C 47 19.69 -29.72 -12.01
CA ASP C 47 19.40 -31.15 -11.70
C ASP C 47 19.26 -31.36 -10.19
N MET D 1 8.34 -30.57 -4.74
CA MET D 1 7.04 -29.95 -4.85
C MET D 1 6.95 -28.71 -4.02
N ILE D 2 7.78 -27.73 -4.31
CA ILE D 2 7.74 -26.49 -3.61
C ILE D 2 6.43 -25.85 -3.94
N GLU D 3 6.07 -25.99 -5.21
CA GLU D 3 4.99 -25.26 -5.80
C GLU D 3 3.85 -25.06 -4.82
N LYS D 4 3.58 -26.02 -3.96
CA LYS D 4 2.61 -25.84 -2.92
C LYS D 4 3.08 -24.75 -1.95
N GLN D 5 4.36 -24.55 -1.78
CA GLN D 5 4.84 -23.50 -0.90
C GLN D 5 4.71 -22.18 -1.60
N MET D 6 4.97 -22.18 -2.90
CA MET D 6 4.78 -21.00 -3.69
C MET D 6 3.30 -20.63 -3.65
N ASP D 7 2.44 -21.61 -3.69
CA ASP D 7 1.05 -21.34 -3.69
C ASP D 7 0.59 -20.66 -2.43
N ARG D 8 1.08 -21.14 -1.29
CA ARG D 8 0.71 -20.59 0.00
C ARG D 8 1.15 -19.12 0.06
N VAL D 9 2.31 -18.82 -0.51
CA VAL D 9 2.84 -17.45 -0.47
C VAL D 9 2.08 -16.52 -1.40
N VAL D 10 1.80 -16.97 -2.59
CA VAL D 10 1.04 -16.17 -3.54
C VAL D 10 -0.35 -15.82 -3.01
N LYS D 11 -1.03 -16.78 -2.40
CA LYS D 11 -2.35 -16.53 -1.81
C LYS D 11 -2.23 -15.46 -0.68
N GLU D 12 -1.16 -15.55 0.09
CA GLU D 12 -0.97 -14.61 1.17
C GLU D 12 -0.68 -13.24 0.64
N MET D 13 0.13 -13.12 -0.38
CA MET D 13 0.36 -11.84 -0.98
C MET D 13 -0.88 -11.23 -1.55
N ARG D 14 -1.72 -12.03 -2.22
CA ARG D 14 -2.99 -11.55 -2.75
C ARG D 14 -3.84 -10.98 -1.63
N ARG D 15 -3.81 -11.65 -0.49
CA ARG D 15 -4.60 -11.29 0.65
C ARG D 15 -4.08 -9.97 1.27
N GLN D 16 -2.77 -9.85 1.40
CA GLN D 16 -2.17 -8.64 1.89
C GLN D 16 -2.45 -7.45 0.98
N LEU D 17 -2.24 -7.61 -0.32
CA LEU D 17 -2.50 -6.52 -1.25
C LEU D 17 -3.97 -6.16 -1.34
N GLU D 18 -4.89 -7.09 -1.13
CA GLU D 18 -6.30 -6.73 -1.09
C GLU D 18 -6.67 -5.93 0.14
N MET D 19 -5.95 -6.14 1.23
CA MET D 19 -6.14 -5.39 2.45
C MET D 19 -5.62 -3.99 2.25
N ILE D 20 -4.43 -3.86 1.70
CA ILE D 20 -3.85 -2.58 1.37
C ILE D 20 -4.78 -1.82 0.44
N ASP D 21 -5.41 -2.51 -0.47
CA ASP D 21 -6.34 -1.85 -1.35
C ASP D 21 -7.56 -1.31 -0.64
N LYS D 22 -8.15 -2.10 0.26
CA LYS D 22 -9.29 -1.66 1.05
C LYS D 22 -8.89 -0.42 1.88
N LEU D 23 -7.76 -0.49 2.57
CA LEU D 23 -7.28 0.63 3.35
C LEU D 23 -7.02 1.87 2.51
N THR D 24 -6.44 1.70 1.35
CA THR D 24 -6.22 2.81 0.44
C THR D 24 -7.56 3.47 0.06
N THR D 25 -8.54 2.67 -0.29
CA THR D 25 -9.85 3.23 -0.61
C THR D 25 -10.48 3.97 0.58
N ARG D 26 -10.31 3.43 1.79
CA ARG D 26 -10.77 4.07 3.00
C ARG D 26 -10.05 5.36 3.28
N GLY D 27 -8.79 5.45 2.88
CA GLY D 27 -7.99 6.66 3.00
C GLY D 27 -8.49 7.73 2.05
N ILE D 28 -8.82 7.35 0.84
CA ILE D 28 -9.34 8.30 -0.13
C ILE D 28 -10.67 8.89 0.33
N GLU D 29 -11.49 8.07 0.97
CA GLU D 29 -12.70 8.58 1.58
C GLU D 29 -12.42 9.59 2.64
N GLN D 30 -11.39 9.34 3.41
CA GLN D 30 -10.99 10.20 4.48
C GLN D 30 -10.46 11.50 3.97
N VAL D 31 -9.78 11.45 2.86
CA VAL D 31 -9.22 12.64 2.25
C VAL D 31 -10.22 13.74 1.83
N GLU D 32 -11.40 13.26 1.53
CA GLU D 32 -12.67 13.92 1.26
C GLU D 32 -13.52 14.26 2.45
N LEU D 33 -13.56 13.40 3.41
CA LEU D 33 -14.00 13.89 4.67
C LEU D 33 -13.17 15.14 5.08
N LEU D 34 -11.91 15.18 4.70
CA LEU D 34 -11.05 16.28 5.06
C LEU D 34 -11.27 17.48 4.20
N LYS D 35 -11.61 17.27 2.96
CA LYS D 35 -11.88 18.38 2.06
C LYS D 35 -13.20 19.05 2.52
N ARG D 36 -14.16 18.28 2.98
CA ARG D 36 -15.40 18.83 3.52
C ARG D 36 -15.13 19.66 4.77
N ILE D 37 -14.20 19.21 5.60
CA ILE D 37 -13.80 19.96 6.80
C ILE D 37 -13.14 21.25 6.41
N HIS D 38 -12.32 21.22 5.38
CA HIS D 38 -11.69 22.41 4.89
C HIS D 38 -12.74 23.39 4.42
N ASP D 39 -13.73 22.89 3.73
CA ASP D 39 -14.80 23.71 3.24
C ASP D 39 -15.60 24.38 4.35
N LYS D 40 -15.98 23.65 5.38
CA LYS D 40 -16.66 24.22 6.53
C LYS D 40 -15.85 25.36 7.13
N LEU D 41 -14.53 25.18 7.20
CA LEU D 41 -13.67 26.23 7.72
C LEU D 41 -13.70 27.46 6.85
N MET D 42 -13.71 27.26 5.54
CA MET D 42 -13.76 28.38 4.63
C MET D 42 -15.08 29.15 4.73
N ILE D 43 -16.17 28.42 4.89
CA ILE D 43 -17.48 29.02 5.08
C ILE D 43 -17.51 29.85 6.35
N ARG D 44 -16.90 29.37 7.41
CA ARG D 44 -16.82 30.18 8.63
C ARG D 44 -16.51 31.68 8.42
#